data_1R3X
#
_entry.id   1R3X
#
_cell.length_a   1.000
_cell.length_b   1.000
_cell.length_c   1.000
_cell.angle_alpha   90.00
_cell.angle_beta   90.00
_cell.angle_gamma   90.00
#
_symmetry.space_group_name_H-M   'P 1'
#
loop_
_entity.id
_entity.type
_entity.pdbx_description
1 polymer "DNA (5'-D(*AP*GP*AP*GP*AP*GP*AP*A)-3')"
2 polymer "DNA (5'-D(*TP*TP*CP*TP*CP*TP*CP*T)-3')"
3 polymer "RNA (5'-R(*UP*CP*UP*CP*UP*CP*UP*U)-3')"
#
loop_
_entity_poly.entity_id
_entity_poly.type
_entity_poly.pdbx_seq_one_letter_code
_entity_poly.pdbx_strand_id
1 'polydeoxyribonucleotide' (DA)(DG)(DA)(DG)(DA)(DG)(DA)(DA) A
2 'polydeoxyribonucleotide' (DT)(DT)(DC)(DT)(DC)(DT)(DC)(DT) B
3 'polyribonucleotide' UCUCUCUU C
#
loop_
_chem_comp.id
_chem_comp.type
_chem_comp.name
_chem_comp.formula
C RNA linking CYTIDINE-5'-MONOPHOSPHATE 'C9 H14 N3 O8 P'
DA DNA linking 2'-DEOXYADENOSINE-5'-MONOPHOSPHATE 'C10 H14 N5 O6 P'
DC DNA linking 2'-DEOXYCYTIDINE-5'-MONOPHOSPHATE 'C9 H14 N3 O7 P'
DG DNA linking 2'-DEOXYGUANOSINE-5'-MONOPHOSPHATE 'C10 H14 N5 O7 P'
DT DNA linking THYMIDINE-5'-MONOPHOSPHATE 'C10 H15 N2 O8 P'
U RNA linking URIDINE-5'-MONOPHOSPHATE 'C9 H13 N2 O9 P'
#